data_5JJ8
#
_entry.id   5JJ8
#
_cell.length_a   88.429
_cell.length_b   69.362
_cell.length_c   77.660
_cell.angle_alpha   90.00
_cell.angle_beta   90.00
_cell.angle_gamma   90.00
#
_symmetry.space_group_name_H-M   'P 2 21 21'
#
loop_
_entity.id
_entity.type
_entity.pdbx_description
1 polymer 'Carbonic anhydrase'
2 non-polymer 'ZINC ION'
3 water water
#
_entity_poly.entity_id   1
_entity_poly.type   'polypeptide(L)'
_entity_poly.pdbx_seq_one_letter_code
;MSDLQQLFENNVRWAEAIKQEDPDFFAKLARQQTPEYLWIGCSDARVPANEIVGMLPGDLFVHRNVANVVLHTDLNCLSV
IQFAVDVLKVKHILVTGHYGCGGVRASLHNDQLGLIDGWLRSIRDLAYEYREHLEQLPTEEERVDRLCELNVIQQVANVS
HTSIVQNAWHRGQSLSVHGCIYGIKDGLWKNLNVTVSGLDQLPPQYRLSPLGGCC
;
_entity_poly.pdbx_strand_id   A,B
#
loop_
_chem_comp.id
_chem_comp.type
_chem_comp.name
_chem_comp.formula
ZN non-polymer 'ZINC ION' 'Zn 2'
#
# COMPACT_ATOMS: atom_id res chain seq x y z
N ASP A 3 24.29 22.27 -2.66
CA ASP A 3 24.20 23.49 -3.45
C ASP A 3 24.00 23.20 -4.93
N LEU A 4 22.78 23.44 -5.40
CA LEU A 4 22.45 23.24 -6.81
C LEU A 4 22.78 24.44 -7.69
N GLN A 5 23.00 25.60 -7.09
CA GLN A 5 23.21 26.83 -7.85
C GLN A 5 24.49 26.77 -8.65
N GLN A 6 25.42 25.93 -8.24
CA GLN A 6 26.64 25.75 -9.04
C GLN A 6 26.31 25.23 -10.44
N LEU A 7 25.43 24.24 -10.48
CA LEU A 7 25.02 23.61 -11.73
C LEU A 7 24.35 24.64 -12.62
N PHE A 8 23.49 25.47 -12.04
CA PHE A 8 22.91 26.59 -12.76
C PHE A 8 23.97 27.60 -13.22
N GLU A 9 24.90 27.91 -12.33
CA GLU A 9 25.90 28.89 -12.66
C GLU A 9 26.83 28.32 -13.71
N ASN A 10 27.07 27.01 -13.66
CA ASN A 10 27.89 26.39 -14.70
C ASN A 10 27.21 26.45 -16.07
N ASN A 11 25.90 26.24 -16.05
CA ASN A 11 25.11 26.25 -17.28
C ASN A 11 25.13 27.58 -18.03
N VAL A 12 24.86 28.67 -17.30
CA VAL A 12 24.86 30.01 -17.87
C VAL A 12 26.26 30.25 -18.38
N ARG A 13 27.24 29.83 -17.60
CA ARG A 13 28.62 29.95 -18.05
C ARG A 13 28.88 29.18 -19.34
N TRP A 14 28.37 27.96 -19.43
CA TRP A 14 28.54 27.10 -20.60
C TRP A 14 27.83 27.64 -21.84
N ALA A 15 26.58 28.04 -21.66
CA ALA A 15 25.79 28.56 -22.76
C ALA A 15 26.41 29.88 -23.32
N GLU A 16 26.73 30.84 -22.46
CA GLU A 16 27.29 32.10 -22.91
C GLU A 16 28.69 31.96 -23.52
N ALA A 17 29.49 31.02 -23.03
CA ALA A 17 30.78 30.76 -23.69
C ALA A 17 30.57 30.29 -25.12
N ILE A 18 29.65 29.35 -25.30
CA ILE A 18 29.36 28.83 -26.63
C ILE A 18 28.84 29.91 -27.58
N LYS A 19 27.99 30.79 -27.04
CA LYS A 19 27.39 31.85 -27.82
C LYS A 19 28.41 32.88 -28.31
N GLN A 20 29.48 33.11 -27.55
CA GLN A 20 30.48 34.06 -28.05
C GLN A 20 31.43 33.40 -29.07
N GLU A 21 31.55 32.09 -29.03
CA GLU A 21 32.30 31.37 -30.06
C GLU A 21 31.48 31.21 -31.35
N ASP A 22 30.19 30.91 -31.20
CA ASP A 22 29.24 30.79 -32.31
C ASP A 22 27.87 31.17 -31.78
N PRO A 23 27.45 32.43 -32.02
CA PRO A 23 26.19 32.94 -31.47
C PRO A 23 24.97 32.23 -31.99
N ASP A 24 25.10 31.46 -33.08
CA ASP A 24 23.95 30.74 -33.63
C ASP A 24 23.84 29.27 -33.22
N PHE A 25 24.74 28.79 -32.37
CA PHE A 25 24.89 27.36 -32.11
C PHE A 25 23.58 26.70 -31.70
N PHE A 26 22.92 27.27 -30.69
CA PHE A 26 21.65 26.75 -30.20
C PHE A 26 20.50 27.08 -31.13
N ALA A 27 20.58 28.25 -31.77
CA ALA A 27 19.55 28.65 -32.71
C ALA A 27 19.45 27.63 -33.83
N LYS A 28 20.58 27.27 -34.42
CA LYS A 28 20.59 26.32 -35.53
C LYS A 28 20.15 24.99 -34.98
N LEU A 29 20.77 24.59 -33.87
CA LEU A 29 20.56 23.26 -33.32
C LEU A 29 19.09 22.98 -33.03
N ALA A 30 18.37 24.00 -32.58
CA ALA A 30 16.97 23.87 -32.18
C ALA A 30 16.02 23.73 -33.37
N ARG A 31 16.51 23.91 -34.59
CA ARG A 31 15.63 23.87 -35.74
C ARG A 31 15.25 22.48 -36.20
N GLN A 32 16.13 21.52 -35.99
CA GLN A 32 15.87 20.15 -36.46
C GLN A 32 16.71 19.20 -35.63
N GLN A 33 16.20 18.01 -35.36
CA GLN A 33 17.03 17.02 -34.71
C GLN A 33 17.49 15.98 -35.71
N THR A 34 18.78 15.96 -36.03
CA THR A 34 19.29 15.01 -37.02
C THR A 34 20.47 14.16 -36.55
N PRO A 35 20.37 13.50 -35.37
CA PRO A 35 21.50 12.68 -34.97
C PRO A 35 21.64 11.45 -35.84
N GLU A 36 22.88 11.02 -36.05
CA GLU A 36 23.17 9.81 -36.79
C GLU A 36 23.34 8.62 -35.87
N TYR A 37 23.46 8.90 -34.58
CA TYR A 37 23.73 7.85 -33.59
C TYR A 37 22.72 7.80 -32.48
N LEU A 38 22.39 6.57 -32.07
CA LEU A 38 21.70 6.29 -30.81
C LEU A 38 22.68 5.62 -29.87
N TRP A 39 22.83 6.19 -28.68
CA TRP A 39 23.62 5.56 -27.65
C TRP A 39 22.69 4.88 -26.65
N ILE A 40 22.90 3.57 -26.48
CA ILE A 40 22.24 2.80 -25.44
C ILE A 40 23.30 2.31 -24.46
N GLY A 41 23.39 2.97 -23.31
CA GLY A 41 24.47 2.71 -22.40
C GLY A 41 23.99 2.66 -20.96
N CYS A 42 24.93 2.55 -20.04
CA CYS A 42 24.57 2.49 -18.62
C CYS A 42 24.41 3.89 -18.03
N SER A 43 23.54 3.97 -17.03
CA SER A 43 23.29 5.19 -16.25
C SER A 43 24.48 5.70 -15.44
N ASP A 44 25.44 4.81 -15.18
CA ASP A 44 26.65 5.10 -14.42
C ASP A 44 27.25 6.48 -14.73
N ALA A 45 27.48 7.26 -13.67
CA ALA A 45 27.95 8.64 -13.77
C ALA A 45 29.30 8.77 -14.48
N ARG A 46 30.05 7.68 -14.52
CA ARG A 46 31.40 7.70 -15.08
C ARG A 46 31.44 7.34 -16.55
N VAL A 47 30.26 7.24 -17.19
CA VAL A 47 30.14 6.93 -18.62
C VAL A 47 29.24 7.91 -19.42
N PRO A 48 29.60 9.21 -19.47
CA PRO A 48 28.81 10.13 -20.31
C PRO A 48 29.13 9.98 -21.80
N ALA A 49 28.08 9.76 -22.60
CA ALA A 49 28.21 9.41 -24.00
C ALA A 49 28.95 10.45 -24.88
N ASN A 50 28.47 11.68 -24.84
CA ASN A 50 29.01 12.72 -25.72
C ASN A 50 30.49 12.92 -25.49
N GLU A 51 30.88 13.04 -24.23
CA GLU A 51 32.29 13.36 -23.91
C GLU A 51 33.20 12.23 -24.38
N ILE A 52 32.73 11.00 -24.19
CA ILE A 52 33.50 9.80 -24.45
C ILE A 52 33.86 9.65 -25.91
N VAL A 53 32.94 9.96 -26.81
CA VAL A 53 33.19 9.80 -28.23
C VAL A 53 33.33 11.16 -28.88
N GLY A 54 33.41 12.19 -28.05
CA GLY A 54 33.65 13.53 -28.52
C GLY A 54 32.52 14.07 -29.39
N MET A 55 31.27 13.86 -28.99
CA MET A 55 30.16 14.36 -29.78
C MET A 55 29.60 15.65 -29.19
N LEU A 56 28.98 16.45 -30.04
CA LEU A 56 28.42 17.73 -29.63
C LEU A 56 26.91 17.54 -29.47
N PRO A 57 26.24 18.44 -28.72
CA PRO A 57 24.78 18.38 -28.71
C PRO A 57 24.24 18.33 -30.12
N GLY A 58 23.23 17.49 -30.34
CA GLY A 58 22.68 17.28 -31.67
C GLY A 58 23.15 16.01 -32.35
N ASP A 59 24.25 15.43 -31.87
CA ASP A 59 24.90 14.30 -32.53
C ASP A 59 24.44 12.93 -32.02
N LEU A 60 24.09 12.84 -30.74
CA LEU A 60 23.76 11.55 -30.11
C LEU A 60 22.42 11.48 -29.38
N PHE A 61 21.48 10.72 -29.93
CA PHE A 61 20.26 10.31 -29.21
C PHE A 61 20.67 9.32 -28.14
N VAL A 62 20.20 9.52 -26.91
CA VAL A 62 20.70 8.75 -25.78
C VAL A 62 19.64 8.09 -24.88
N HIS A 63 19.79 6.79 -24.70
CA HIS A 63 19.08 6.10 -23.63
C HIS A 63 20.12 5.54 -22.68
N ARG A 64 19.93 5.77 -21.40
CA ARG A 64 20.81 5.21 -20.39
C ARG A 64 19.94 4.64 -19.29
N ASN A 65 20.21 3.38 -18.96
CA ASN A 65 19.60 2.69 -17.84
C ASN A 65 20.65 1.81 -17.17
N VAL A 66 20.27 1.22 -16.04
CA VAL A 66 21.15 0.38 -15.26
C VAL A 66 21.62 -0.85 -16.01
N ALA A 67 22.92 -0.85 -16.31
CA ALA A 67 23.62 -1.95 -16.97
C ALA A 67 23.11 -2.18 -18.40
N ASN A 68 22.66 -1.09 -19.03
CA ASN A 68 22.27 -1.02 -20.45
C ASN A 68 21.45 -2.23 -20.92
N VAL A 69 20.35 -2.47 -20.23
CA VAL A 69 19.55 -3.62 -20.48
C VAL A 69 18.42 -3.26 -21.43
N VAL A 70 18.20 -4.12 -22.42
CA VAL A 70 17.18 -3.93 -23.43
C VAL A 70 16.22 -5.09 -23.40
N LEU A 71 14.98 -4.82 -23.02
CA LEU A 71 14.02 -5.90 -22.92
C LEU A 71 12.92 -5.70 -23.94
N HIS A 72 12.43 -6.79 -24.52
CA HIS A 72 11.44 -6.74 -25.59
C HIS A 72 10.02 -6.49 -25.07
N THR A 73 9.89 -6.27 -23.77
CA THR A 73 8.62 -5.82 -23.20
C THR A 73 8.77 -4.45 -22.56
N ASP A 74 9.91 -3.81 -22.75
CA ASP A 74 10.14 -2.53 -22.12
C ASP A 74 9.87 -1.37 -23.05
N LEU A 75 8.71 -0.75 -22.92
CA LEU A 75 8.35 0.36 -23.80
C LEU A 75 9.25 1.56 -23.60
N ASN A 76 9.92 1.65 -22.46
CA ASN A 76 10.86 2.72 -22.20
C ASN A 76 12.00 2.73 -23.22
N CYS A 77 12.78 1.66 -23.21
CA CYS A 77 13.90 1.51 -24.13
C CYS A 77 13.40 1.34 -25.57
N LEU A 78 12.30 0.61 -25.75
CA LEU A 78 11.81 0.34 -27.09
C LEU A 78 11.28 1.61 -27.76
N SER A 79 10.78 2.55 -26.96
CA SER A 79 10.37 3.85 -27.51
C SER A 79 11.55 4.69 -27.96
N VAL A 80 12.66 4.58 -27.24
CA VAL A 80 13.86 5.26 -27.65
C VAL A 80 14.38 4.63 -28.92
N ILE A 81 14.45 3.31 -28.94
CA ILE A 81 14.92 2.64 -30.16
C ILE A 81 14.03 2.92 -31.37
N GLN A 82 12.71 2.84 -31.18
CA GLN A 82 11.80 3.07 -32.29
C GLN A 82 11.77 4.52 -32.80
N PHE A 83 11.83 5.49 -31.89
CA PHE A 83 11.90 6.88 -32.30
C PHE A 83 13.24 7.15 -33.00
N ALA A 84 14.30 6.54 -32.47
CA ALA A 84 15.60 6.66 -33.08
C ALA A 84 15.55 6.10 -34.49
N VAL A 85 15.02 4.90 -34.63
CA VAL A 85 15.07 4.16 -35.87
C VAL A 85 14.01 4.60 -36.88
N ASP A 86 12.77 4.75 -36.44
CA ASP A 86 11.66 5.04 -37.38
C ASP A 86 11.52 6.53 -37.71
N VAL A 87 11.81 7.40 -36.75
CA VAL A 87 11.61 8.84 -36.98
C VAL A 87 12.91 9.58 -37.28
N LEU A 88 13.89 9.44 -36.39
CA LEU A 88 15.16 10.12 -36.57
C LEU A 88 15.98 9.39 -37.61
N LYS A 89 15.64 8.13 -37.84
CA LYS A 89 16.34 7.27 -38.79
C LYS A 89 17.85 7.33 -38.56
N VAL A 90 18.26 7.03 -37.35
CA VAL A 90 19.67 6.91 -37.06
C VAL A 90 20.28 5.83 -37.95
N LYS A 91 21.58 5.97 -38.20
CA LYS A 91 22.28 5.02 -39.05
C LYS A 91 22.94 3.99 -38.17
N HIS A 92 23.19 4.40 -36.94
CA HIS A 92 23.93 3.59 -35.98
C HIS A 92 23.32 3.57 -34.59
N ILE A 93 23.30 2.39 -34.00
CA ILE A 93 22.95 2.19 -32.60
C ILE A 93 24.19 1.73 -31.87
N LEU A 94 24.62 2.56 -30.91
CA LEU A 94 25.80 2.22 -30.13
C LEU A 94 25.40 1.60 -28.77
N VAL A 95 25.37 0.27 -28.68
CA VAL A 95 25.21 -0.41 -27.41
C VAL A 95 26.55 -0.41 -26.67
N THR A 96 26.65 0.40 -25.63
CA THR A 96 27.87 0.54 -24.86
C THR A 96 27.69 0.13 -23.38
N GLY A 97 28.34 -0.94 -22.99
CA GLY A 97 28.38 -1.32 -21.59
C GLY A 97 29.68 -0.76 -21.08
N HIS A 98 30.02 -1.09 -19.83
CA HIS A 98 31.31 -0.69 -19.28
C HIS A 98 31.79 -1.66 -18.22
N TYR A 99 33.12 -1.76 -18.11
CA TYR A 99 33.77 -2.58 -17.10
C TYR A 99 33.48 -2.00 -15.71
N GLY A 100 33.40 -2.86 -14.71
CA GLY A 100 33.08 -2.42 -13.35
C GLY A 100 31.65 -1.97 -13.15
N CYS A 101 30.75 -2.52 -13.97
CA CYS A 101 29.35 -2.15 -13.90
C CYS A 101 28.66 -2.78 -12.71
N GLY A 102 28.15 -1.95 -11.81
CA GLY A 102 27.49 -2.43 -10.62
C GLY A 102 26.23 -3.26 -10.86
N GLY A 103 25.53 -2.95 -11.95
CA GLY A 103 24.35 -3.72 -12.32
C GLY A 103 24.69 -5.14 -12.69
N VAL A 104 25.76 -5.30 -13.46
CA VAL A 104 26.29 -6.61 -13.79
C VAL A 104 26.79 -7.31 -12.52
N ARG A 105 27.54 -6.57 -11.71
CA ARG A 105 28.09 -7.12 -10.47
C ARG A 105 26.96 -7.60 -9.53
N ALA A 106 25.89 -6.82 -9.43
CA ALA A 106 24.76 -7.20 -8.61
C ALA A 106 24.15 -8.53 -9.10
N SER A 107 24.12 -8.71 -10.42
CA SER A 107 23.57 -9.92 -11.01
C SER A 107 24.43 -11.14 -10.69
N LEU A 108 25.67 -10.89 -10.26
CA LEU A 108 26.62 -11.97 -10.03
C LEU A 108 26.70 -12.33 -8.53
N HIS A 109 26.04 -11.52 -7.71
CA HIS A 109 25.99 -11.71 -6.27
C HIS A 109 24.54 -11.99 -5.88
N ASN A 110 24.28 -12.20 -4.61
CA ASN A 110 23.00 -12.77 -4.21
C ASN A 110 22.19 -11.86 -3.28
N ASP A 111 22.59 -10.60 -3.21
CA ASP A 111 21.90 -9.64 -2.35
C ASP A 111 20.64 -9.07 -2.98
N GLN A 112 19.60 -8.92 -2.17
CA GLN A 112 18.39 -8.32 -2.69
C GLN A 112 18.48 -6.83 -2.64
N LEU A 113 18.33 -6.22 -3.81
CA LEU A 113 18.47 -4.80 -3.95
C LEU A 113 17.11 -4.21 -4.21
N GLY A 114 16.10 -5.07 -4.25
CA GLY A 114 14.73 -4.58 -4.41
C GLY A 114 14.17 -4.67 -5.82
N LEU A 115 13.56 -3.56 -6.25
CA LEU A 115 13.01 -3.45 -7.59
C LEU A 115 14.02 -3.83 -8.68
N ILE A 116 15.27 -3.39 -8.52
CA ILE A 116 16.28 -3.60 -9.56
C ILE A 116 16.61 -5.10 -9.71
N ASP A 117 16.22 -5.91 -8.74
CA ASP A 117 16.37 -7.37 -8.85
C ASP A 117 15.71 -7.94 -10.11
N GLY A 118 14.51 -7.44 -10.43
CA GLY A 118 13.78 -7.88 -11.61
C GLY A 118 14.42 -7.39 -12.88
N TRP A 119 14.85 -6.13 -12.84
CA TRP A 119 15.49 -5.49 -13.96
C TRP A 119 16.71 -6.25 -14.45
N LEU A 120 17.48 -6.77 -13.49
CA LEU A 120 18.75 -7.43 -13.78
C LEU A 120 18.63 -8.92 -14.05
N ARG A 121 17.40 -9.41 -14.06
CA ARG A 121 17.13 -10.83 -14.26
C ARG A 121 17.88 -11.43 -15.45
N SER A 122 17.78 -10.75 -16.58
CA SER A 122 18.35 -11.26 -17.82
C SER A 122 19.90 -11.28 -17.82
N ILE A 123 20.53 -10.47 -16.97
CA ILE A 123 21.97 -10.55 -16.84
C ILE A 123 22.30 -11.71 -15.90
N ARG A 124 21.49 -11.90 -14.87
CA ARG A 124 21.63 -13.06 -13.99
C ARG A 124 21.47 -14.35 -14.80
N ASP A 125 20.54 -14.33 -15.76
CA ASP A 125 20.33 -15.48 -16.66
C ASP A 125 21.61 -15.78 -17.45
N LEU A 126 22.25 -14.72 -17.92
CA LEU A 126 23.48 -14.82 -18.72
C LEU A 126 24.61 -15.45 -17.93
N ALA A 127 24.74 -15.05 -16.67
CA ALA A 127 25.72 -15.61 -15.77
C ALA A 127 25.46 -17.11 -15.52
N TYR A 128 24.20 -17.50 -15.51
CA TYR A 128 23.85 -18.91 -15.36
C TYR A 128 24.25 -19.69 -16.61
N GLU A 129 23.85 -19.15 -17.76
CA GLU A 129 24.21 -19.72 -19.06
C GLU A 129 25.71 -19.92 -19.23
N TYR A 130 26.50 -18.96 -18.76
CA TYR A 130 27.95 -19.00 -18.90
C TYR A 130 28.66 -19.35 -17.59
N ARG A 131 27.97 -20.06 -16.70
CA ARG A 131 28.50 -20.32 -15.36
C ARG A 131 29.78 -21.15 -15.44
N GLU A 132 29.87 -22.00 -16.44
CA GLU A 132 31.07 -22.80 -16.64
C GLU A 132 32.24 -21.95 -17.11
N HIS A 133 32.00 -21.07 -18.08
CA HIS A 133 33.00 -20.12 -18.55
C HIS A 133 33.47 -19.15 -17.44
N LEU A 134 32.51 -18.54 -16.75
CA LEU A 134 32.81 -17.57 -15.69
C LEU A 134 33.48 -18.18 -14.45
N GLU A 135 33.13 -19.43 -14.14
CA GLU A 135 33.63 -20.13 -12.95
C GLU A 135 35.09 -20.40 -13.03
N GLN A 136 35.51 -20.30 -14.28
CA GLN A 136 36.73 -20.84 -14.77
C GLN A 136 37.81 -19.71 -14.69
N LEU A 137 37.26 -18.55 -14.32
CA LEU A 137 37.96 -17.29 -14.06
C LEU A 137 38.18 -17.10 -12.56
N PRO A 138 39.44 -16.86 -12.16
CA PRO A 138 39.91 -16.92 -10.76
C PRO A 138 39.49 -15.79 -9.83
N THR A 139 39.15 -14.63 -10.38
CA THR A 139 38.78 -13.48 -9.55
C THR A 139 37.37 -12.94 -9.84
N GLU A 140 36.79 -12.29 -8.85
CA GLU A 140 35.47 -11.66 -8.96
C GLU A 140 35.47 -10.54 -10.02
N GLU A 141 36.51 -9.73 -10.03
CA GLU A 141 36.64 -8.62 -10.98
C GLU A 141 36.67 -9.14 -12.42
N GLU A 142 37.34 -10.25 -12.65
CA GLU A 142 37.37 -10.89 -13.96
C GLU A 142 35.99 -11.42 -14.37
N ARG A 143 35.27 -12.00 -13.41
CA ARG A 143 33.95 -12.54 -13.67
C ARG A 143 32.97 -11.43 -14.01
N VAL A 144 32.99 -10.37 -13.19
CA VAL A 144 32.15 -9.21 -13.42
C VAL A 144 32.44 -8.61 -14.80
N ASP A 145 33.71 -8.40 -15.12
CA ASP A 145 34.12 -7.75 -16.36
C ASP A 145 33.80 -8.57 -17.59
N ARG A 146 33.91 -9.89 -17.48
CA ARG A 146 33.58 -10.78 -18.59
C ARG A 146 32.07 -10.79 -18.85
N LEU A 147 31.30 -10.83 -17.78
CA LEU A 147 29.85 -10.77 -17.89
C LEU A 147 29.45 -9.45 -18.55
N CYS A 148 30.23 -8.40 -18.30
CA CYS A 148 29.98 -7.10 -18.91
C CYS A 148 30.06 -7.16 -20.42
N GLU A 149 31.06 -7.88 -20.93
CA GLU A 149 31.19 -8.08 -22.37
C GLU A 149 30.04 -8.94 -22.89
N LEU A 150 29.78 -10.03 -22.18
CA LEU A 150 28.69 -10.94 -22.55
C LEU A 150 27.35 -10.20 -22.60
N ASN A 151 27.17 -9.28 -21.65
CA ASN A 151 25.92 -8.55 -21.57
C ASN A 151 25.74 -7.62 -22.74
N VAL A 152 26.79 -6.86 -23.07
CA VAL A 152 26.76 -5.98 -24.24
C VAL A 152 26.44 -6.77 -25.50
N ILE A 153 27.14 -7.89 -25.68
CA ILE A 153 26.95 -8.73 -26.85
C ILE A 153 25.50 -9.23 -26.92
N GLN A 154 24.95 -9.61 -25.78
CA GLN A 154 23.53 -10.00 -25.67
C GLN A 154 22.60 -8.83 -26.01
N GLN A 155 22.93 -7.63 -25.51
CA GLN A 155 22.03 -6.50 -25.72
C GLN A 155 21.97 -6.12 -27.17
N VAL A 156 23.10 -6.24 -27.85
CA VAL A 156 23.19 -6.04 -29.29
C VAL A 156 22.25 -7.01 -30.03
N ALA A 157 22.29 -8.28 -29.61
CA ALA A 157 21.35 -9.24 -30.19
C ALA A 157 19.92 -8.74 -29.94
N ASN A 158 19.63 -8.33 -28.70
CA ASN A 158 18.26 -7.92 -28.36
C ASN A 158 17.76 -6.79 -29.23
N VAL A 159 18.62 -5.80 -29.50
CA VAL A 159 18.22 -4.67 -30.30
C VAL A 159 17.96 -5.13 -31.71
N SER A 160 18.86 -5.97 -32.21
CA SER A 160 18.79 -6.42 -33.59
C SER A 160 17.56 -7.31 -33.85
N HIS A 161 17.07 -8.00 -32.83
CA HIS A 161 15.93 -8.91 -33.02
C HIS A 161 14.61 -8.15 -32.94
N THR A 162 14.64 -6.89 -32.51
CA THR A 162 13.41 -6.13 -32.38
C THR A 162 12.73 -5.99 -33.74
N SER A 163 11.40 -6.02 -33.74
CA SER A 163 10.70 -5.85 -34.99
C SER A 163 11.00 -4.45 -35.53
N ILE A 164 11.24 -3.51 -34.62
CA ILE A 164 11.63 -2.15 -34.99
C ILE A 164 12.82 -2.21 -35.93
N VAL A 165 13.91 -2.83 -35.48
CA VAL A 165 15.10 -2.91 -36.29
C VAL A 165 14.91 -3.77 -37.54
N GLN A 166 14.27 -4.93 -37.41
CA GLN A 166 14.07 -5.79 -38.59
C GLN A 166 13.22 -5.11 -39.66
N ASN A 167 12.19 -4.38 -39.25
CA ASN A 167 11.36 -3.65 -40.22
C ASN A 167 12.10 -2.48 -40.86
N ALA A 168 13.05 -1.88 -40.16
CA ALA A 168 13.95 -0.89 -40.77
C ALA A 168 14.67 -1.52 -41.96
N TRP A 169 15.28 -2.67 -41.71
CA TRP A 169 15.98 -3.44 -42.74
C TRP A 169 15.02 -3.93 -43.83
N HIS A 170 13.86 -4.44 -43.45
CA HIS A 170 12.91 -4.93 -44.45
C HIS A 170 12.58 -3.86 -45.48
N ARG A 171 12.53 -2.61 -45.04
CA ARG A 171 12.18 -1.53 -45.93
C ARG A 171 13.45 -0.81 -46.39
N GLY A 172 14.58 -1.51 -46.28
CA GLY A 172 15.80 -1.09 -46.94
C GLY A 172 16.58 0.01 -46.23
N GLN A 173 16.27 0.25 -44.98
CA GLN A 173 16.93 1.32 -44.24
C GLN A 173 18.32 0.91 -43.77
N SER A 174 19.28 1.81 -43.97
CA SER A 174 20.64 1.53 -43.52
C SER A 174 20.68 1.70 -42.02
N LEU A 175 21.04 0.62 -41.34
CA LEU A 175 21.02 0.60 -39.90
C LEU A 175 21.95 -0.48 -39.38
N SER A 176 22.89 -0.05 -38.56
CA SER A 176 23.88 -0.92 -37.96
C SER A 176 23.77 -0.88 -36.43
N VAL A 177 23.88 -2.05 -35.81
CA VAL A 177 23.89 -2.19 -34.35
C VAL A 177 25.29 -2.55 -33.87
N HIS A 178 25.85 -1.76 -32.96
CA HIS A 178 27.21 -2.02 -32.51
C HIS A 178 27.32 -2.40 -31.04
N GLY A 179 28.36 -3.17 -30.70
CA GLY A 179 28.66 -3.49 -29.32
C GLY A 179 30.00 -2.94 -28.90
N CYS A 180 29.98 -2.06 -27.90
CA CYS A 180 31.21 -1.50 -27.41
C CYS A 180 31.24 -1.60 -25.90
N ILE A 181 32.43 -1.46 -25.33
CA ILE A 181 32.54 -1.46 -23.89
C ILE A 181 33.55 -0.41 -23.48
N TYR A 182 33.18 0.35 -22.46
CA TYR A 182 34.00 1.45 -22.00
C TYR A 182 34.79 1.07 -20.75
N GLY A 183 36.08 1.44 -20.74
CA GLY A 183 36.88 1.20 -19.57
C GLY A 183 36.82 2.44 -18.69
N ILE A 184 36.15 2.33 -17.55
CA ILE A 184 36.10 3.44 -16.62
C ILE A 184 37.48 3.68 -16.04
N LYS A 185 38.37 2.70 -16.17
CA LYS A 185 39.74 2.81 -15.65
C LYS A 185 40.70 3.55 -16.56
N ASP A 186 40.42 3.64 -17.85
CA ASP A 186 41.36 4.26 -18.77
C ASP A 186 40.73 5.20 -19.78
N GLY A 187 39.41 5.36 -19.72
CA GLY A 187 38.74 6.27 -20.62
C GLY A 187 38.61 5.79 -22.06
N LEU A 188 38.92 4.51 -22.29
CA LEU A 188 38.88 3.97 -23.65
C LEU A 188 37.57 3.24 -23.99
N TRP A 189 37.05 3.50 -25.19
CA TRP A 189 35.81 2.94 -25.68
C TRP A 189 36.13 1.88 -26.73
N LYS A 190 35.91 0.61 -26.39
CA LYS A 190 36.43 -0.48 -27.21
C LYS A 190 35.34 -1.16 -28.03
N ASN A 191 35.62 -1.44 -29.29
CA ASN A 191 34.69 -2.18 -30.13
C ASN A 191 34.70 -3.66 -29.82
N LEU A 192 33.53 -4.23 -29.63
CA LEU A 192 33.46 -5.67 -29.35
C LEU A 192 33.32 -6.49 -30.62
N ASN A 193 33.24 -5.82 -31.78
CA ASN A 193 33.24 -6.54 -33.09
C ASN A 193 32.11 -7.54 -33.22
N VAL A 194 30.91 -7.08 -32.87
CA VAL A 194 29.68 -7.86 -32.92
C VAL A 194 28.63 -7.08 -33.67
N THR A 195 29.06 -6.29 -34.64
CA THR A 195 28.13 -5.42 -35.34
C THR A 195 27.14 -6.25 -36.16
N VAL A 196 25.88 -5.84 -36.15
CA VAL A 196 24.84 -6.47 -36.95
C VAL A 196 24.30 -5.39 -37.84
N SER A 197 24.15 -5.68 -39.13
CA SER A 197 23.73 -4.64 -40.07
C SER A 197 22.61 -5.11 -40.96
N GLY A 198 22.21 -6.36 -40.81
CA GLY A 198 21.14 -6.88 -41.63
C GLY A 198 20.53 -8.18 -41.14
N LEU A 199 19.36 -8.48 -41.70
CA LEU A 199 18.56 -9.66 -41.36
C LEU A 199 19.31 -10.97 -41.51
N ASP A 200 20.21 -11.01 -42.50
CA ASP A 200 20.96 -12.24 -42.78
C ASP A 200 21.81 -12.67 -41.60
N GLN A 201 22.10 -11.71 -40.73
CA GLN A 201 22.93 -11.96 -39.57
C GLN A 201 22.13 -12.48 -38.38
N LEU A 202 20.81 -12.55 -38.53
CA LEU A 202 19.96 -13.08 -37.46
C LEU A 202 19.68 -14.57 -37.68
N PRO A 203 19.67 -15.35 -36.57
CA PRO A 203 19.29 -16.76 -36.58
C PRO A 203 17.89 -16.91 -37.12
N PRO A 204 17.60 -18.03 -37.81
CA PRO A 204 16.27 -18.29 -38.37
C PRO A 204 15.14 -18.19 -37.34
N GLN A 205 15.41 -18.64 -36.11
CA GLN A 205 14.40 -18.66 -35.06
C GLN A 205 13.96 -17.27 -34.67
N TYR A 206 14.78 -16.27 -34.96
CA TYR A 206 14.49 -14.91 -34.50
C TYR A 206 14.04 -13.97 -35.60
N ARG A 207 14.13 -14.41 -36.84
CA ARG A 207 13.77 -13.56 -37.96
C ARG A 207 12.27 -13.41 -38.16
N LEU A 208 11.83 -12.17 -38.31
CA LEU A 208 10.43 -11.89 -38.57
C LEU A 208 10.23 -11.55 -40.04
N SER A 209 9.13 -12.08 -40.57
CA SER A 209 8.66 -11.83 -41.92
C SER A 209 8.24 -10.39 -42.00
N PRO A 210 8.36 -9.78 -43.19
CA PRO A 210 7.85 -8.42 -43.35
C PRO A 210 6.35 -8.38 -43.13
N LEU A 211 5.81 -7.21 -42.81
CA LEU A 211 4.40 -7.07 -42.46
C LEU A 211 3.44 -7.56 -43.55
N ASP B 3 -24.00 20.77 45.87
CA ASP B 3 -24.11 21.91 44.95
C ASP B 3 -24.25 21.47 43.48
N LEU B 4 -25.46 21.64 42.95
CA LEU B 4 -25.70 21.30 41.55
C LEU B 4 -25.29 22.47 40.67
N GLN B 5 -25.10 23.64 41.28
CA GLN B 5 -24.86 24.84 40.51
C GLN B 5 -23.56 24.75 39.72
N GLN B 6 -22.63 23.94 40.19
CA GLN B 6 -21.37 23.73 39.46
C GLN B 6 -21.61 23.17 38.07
N LEU B 7 -22.50 22.19 37.99
CA LEU B 7 -22.81 21.50 36.74
C LEU B 7 -23.47 22.42 35.72
N PHE B 8 -24.43 23.24 36.16
CA PHE B 8 -25.04 24.26 35.28
C PHE B 8 -23.95 25.23 34.77
N GLU B 9 -23.05 25.62 35.67
CA GLU B 9 -22.00 26.57 35.33
C GLU B 9 -21.01 25.90 34.37
N ASN B 10 -20.75 24.60 34.54
CA ASN B 10 -19.87 23.89 33.63
C ASN B 10 -20.48 23.79 32.26
N ASN B 11 -21.79 23.57 32.25
CA ASN B 11 -22.56 23.52 31.00
C ASN B 11 -22.47 24.81 30.23
N VAL B 12 -22.68 25.94 30.91
CA VAL B 12 -22.66 27.26 30.28
C VAL B 12 -21.30 27.56 29.71
N ARG B 13 -20.27 27.24 30.48
CA ARG B 13 -18.92 27.52 30.00
C ARG B 13 -18.69 26.65 28.77
N TRP B 14 -19.12 25.39 28.88
CA TRP B 14 -18.93 24.37 27.83
C TRP B 14 -19.64 24.76 26.55
N ALA B 15 -20.88 25.24 26.63
CA ALA B 15 -21.63 25.66 25.45
C ALA B 15 -21.03 26.90 24.74
N GLU B 16 -20.80 27.98 25.48
CA GLU B 16 -20.22 29.18 24.86
C GLU B 16 -18.78 28.98 24.40
N ALA B 17 -18.03 28.13 25.09
CA ALA B 17 -16.69 27.80 24.60
C ALA B 17 -16.80 27.21 23.21
N ILE B 18 -17.76 26.31 23.03
CA ILE B 18 -18.02 25.71 21.73
C ILE B 18 -18.47 26.73 20.68
N LYS B 19 -19.32 27.69 21.08
CA LYS B 19 -19.90 28.62 20.14
C LYS B 19 -18.92 29.62 19.50
N GLN B 20 -17.97 30.18 20.23
CA GLN B 20 -16.93 30.90 19.50
C GLN B 20 -15.73 30.13 19.03
N GLU B 21 -15.71 28.83 19.24
CA GLU B 21 -14.78 28.02 18.46
C GLU B 21 -15.46 27.80 17.07
N ASP B 22 -16.77 27.52 17.10
CA ASP B 22 -17.66 27.32 15.93
C ASP B 22 -19.10 27.68 16.34
N PRO B 23 -19.57 28.89 15.96
CA PRO B 23 -20.89 29.37 16.41
C PRO B 23 -22.08 28.60 15.87
N ASP B 24 -21.88 27.79 14.85
CA ASP B 24 -23.00 27.03 14.31
C ASP B 24 -23.08 25.59 14.81
N PHE B 25 -22.19 25.19 15.71
CA PHE B 25 -22.04 23.78 16.05
C PHE B 25 -23.34 23.08 16.48
N PHE B 26 -24.01 23.63 17.48
CA PHE B 26 -25.26 23.06 17.94
C PHE B 26 -26.34 23.29 16.89
N ALA B 27 -26.30 24.47 16.26
CA ALA B 27 -27.29 24.85 15.29
C ALA B 27 -27.40 23.85 14.15
N LYS B 28 -26.28 23.49 13.56
CA LYS B 28 -26.33 22.56 12.43
C LYS B 28 -26.76 21.21 13.02
N LEU B 29 -26.16 20.83 14.13
CA LEU B 29 -26.40 19.53 14.75
C LEU B 29 -27.89 19.29 15.06
N ALA B 30 -28.59 20.35 15.45
CA ALA B 30 -29.98 20.23 15.86
C ALA B 30 -30.90 20.02 14.68
N ARG B 31 -30.39 20.18 13.46
CA ARG B 31 -31.24 20.03 12.28
C ARG B 31 -31.45 18.58 11.96
N GLN B 32 -30.51 17.72 12.33
CA GLN B 32 -30.68 16.30 12.06
C GLN B 32 -29.81 15.42 12.96
N GLN B 33 -30.34 14.25 13.28
CA GLN B 33 -29.59 13.27 14.04
C GLN B 33 -29.08 12.19 13.12
N THR B 34 -27.77 12.18 12.89
CA THR B 34 -27.20 11.23 11.94
C THR B 34 -26.06 10.37 12.49
N PRO B 35 -26.24 9.74 13.66
CA PRO B 35 -25.14 8.90 14.16
C PRO B 35 -24.93 7.64 13.35
N GLU B 36 -23.68 7.22 13.24
CA GLU B 36 -23.33 5.98 12.56
C GLU B 36 -23.18 4.83 13.53
N TYR B 37 -23.14 5.18 14.82
CA TYR B 37 -22.88 4.21 15.87
C TYR B 37 -23.98 4.19 16.91
N LEU B 38 -24.31 2.98 17.36
CA LEU B 38 -25.08 2.80 18.57
C LEU B 38 -24.15 2.20 19.60
N TRP B 39 -24.06 2.86 20.75
CA TRP B 39 -23.30 2.31 21.87
C TRP B 39 -24.27 1.66 22.88
N ILE B 40 -24.04 0.37 23.14
CA ILE B 40 -24.75 -0.35 24.20
C ILE B 40 -23.77 -0.73 25.29
N GLY B 41 -23.78 0.00 26.40
CA GLY B 41 -22.75 -0.19 27.40
C GLY B 41 -23.25 -0.14 28.82
N CYS B 42 -22.34 -0.16 29.78
CA CYS B 42 -22.76 -0.16 31.16
C CYS B 42 -22.99 1.26 31.69
N SER B 43 -23.89 1.39 32.66
CA SER B 43 -24.19 2.64 33.36
C SER B 43 -23.04 3.20 34.19
N ASP B 44 -22.11 2.32 34.53
CA ASP B 44 -20.93 2.63 35.34
C ASP B 44 -20.31 3.97 34.99
N ALA B 45 -20.15 4.82 36.01
CA ALA B 45 -19.72 6.21 35.84
C ALA B 45 -18.36 6.35 35.18
N ARG B 46 -17.57 5.28 35.21
CA ARG B 46 -16.18 5.31 34.72
C ARG B 46 -16.08 4.82 33.29
N VAL B 47 -17.23 4.63 32.65
CA VAL B 47 -17.25 4.21 31.24
C VAL B 47 -18.14 5.13 30.36
N PRO B 48 -17.81 6.43 30.27
CA PRO B 48 -18.58 7.30 29.39
C PRO B 48 -18.20 7.13 27.92
N ALA B 49 -19.20 6.84 27.09
CA ALA B 49 -19.01 6.42 25.72
C ALA B 49 -18.25 7.40 24.83
N ASN B 50 -18.73 8.64 24.76
CA ASN B 50 -18.16 9.59 23.81
C ASN B 50 -16.68 9.80 24.06
N GLU B 51 -16.35 10.03 25.33
CA GLU B 51 -14.97 10.35 25.66
C GLU B 51 -14.05 9.19 25.31
N ILE B 52 -14.50 7.98 25.59
CA ILE B 52 -13.67 6.78 25.46
C ILE B 52 -13.21 6.56 24.03
N VAL B 53 -14.10 6.78 23.06
CA VAL B 53 -13.79 6.55 21.64
C VAL B 53 -13.63 7.88 20.90
N GLY B 54 -13.57 8.96 21.68
CA GLY B 54 -13.33 10.28 21.14
C GLY B 54 -14.41 10.80 20.23
N MET B 55 -15.67 10.64 20.60
CA MET B 55 -16.76 11.09 19.75
C MET B 55 -17.38 12.41 20.19
N LEU B 56 -17.96 13.11 19.24
CA LEU B 56 -18.60 14.40 19.46
C LEU B 56 -20.10 14.19 19.52
N PRO B 57 -20.83 15.12 20.15
CA PRO B 57 -22.29 15.06 20.10
C PRO B 57 -22.76 14.94 18.66
N GLY B 58 -23.75 14.07 18.43
CA GLY B 58 -24.21 13.81 17.08
C GLY B 58 -23.66 12.51 16.55
N ASP B 59 -22.58 12.01 17.15
CA ASP B 59 -21.87 10.83 16.64
C ASP B 59 -22.32 9.47 17.20
N LEU B 60 -22.79 9.43 18.46
CA LEU B 60 -23.14 8.15 19.14
C LEU B 60 -24.53 8.08 19.75
N PHE B 61 -25.39 7.25 19.18
CA PHE B 61 -26.64 6.89 19.86
C PHE B 61 -26.24 5.98 21.02
N VAL B 62 -26.78 6.24 22.21
CA VAL B 62 -26.30 5.54 23.40
C VAL B 62 -27.39 4.92 24.27
N HIS B 63 -27.23 3.64 24.54
CA HIS B 63 -27.97 3.00 25.61
C HIS B 63 -26.97 2.50 26.63
N ARG B 64 -27.25 2.79 27.89
CA ARG B 64 -26.42 2.32 28.98
C ARG B 64 -27.29 1.79 30.10
N ASN B 65 -27.00 0.56 30.53
CA ASN B 65 -27.66 -0.03 31.69
C ASN B 65 -26.67 -0.86 32.52
N VAL B 66 -27.12 -1.34 33.66
CA VAL B 66 -26.28 -2.16 34.54
C VAL B 66 -25.81 -3.41 33.83
N ALA B 67 -24.50 -3.49 33.63
CA ALA B 67 -23.82 -4.62 33.01
C ALA B 67 -24.19 -4.83 31.56
N ASN B 68 -24.60 -3.75 30.89
CA ASN B 68 -24.90 -3.77 29.43
C ASN B 68 -25.68 -5.01 28.97
N VAL B 69 -26.85 -5.20 29.55
CA VAL B 69 -27.64 -6.38 29.33
C VAL B 69 -28.71 -6.19 28.26
N VAL B 70 -28.85 -7.17 27.37
CA VAL B 70 -29.83 -7.10 26.28
C VAL B 70 -30.82 -8.25 26.35
N LEU B 71 -32.07 -7.92 26.64
CA LEU B 71 -33.09 -8.94 26.76
C LEU B 71 -34.11 -8.79 25.68
N HIS B 72 -34.59 -9.92 25.16
CA HIS B 72 -35.52 -9.92 24.02
C HIS B 72 -36.96 -9.64 24.44
N THR B 73 -37.15 -9.37 25.72
CA THR B 73 -38.43 -8.89 26.23
C THR B 73 -38.29 -7.49 26.82
N ASP B 74 -37.13 -6.87 26.66
CA ASP B 74 -36.95 -5.56 27.27
C ASP B 74 -37.19 -4.48 26.25
N LEU B 75 -38.37 -3.89 26.27
CA LEU B 75 -38.69 -2.87 25.29
C LEU B 75 -37.82 -1.63 25.45
N ASN B 76 -37.20 -1.47 26.63
CA ASN B 76 -36.27 -0.37 26.87
C ASN B 76 -35.07 -0.42 25.92
N CYS B 77 -34.30 -1.49 26.02
CA CYS B 77 -33.13 -1.63 25.18
C CYS B 77 -33.54 -1.84 23.71
N LEU B 78 -34.58 -2.65 23.48
CA LEU B 78 -34.98 -2.97 22.13
C LEU B 78 -35.51 -1.76 21.39
N SER B 79 -36.09 -0.81 22.12
CA SER B 79 -36.52 0.44 21.49
C SER B 79 -35.35 1.29 21.03
N VAL B 80 -34.28 1.27 21.81
CA VAL B 80 -33.09 1.95 21.45
C VAL B 80 -32.50 1.30 20.22
N ILE B 81 -32.41 -0.03 20.22
CA ILE B 81 -31.88 -0.74 19.05
C ILE B 81 -32.71 -0.54 17.78
N GLN B 82 -34.03 -0.66 17.91
CA GLN B 82 -34.90 -0.58 16.75
C GLN B 82 -34.86 0.82 16.15
N PHE B 83 -34.82 1.83 17.01
CA PHE B 83 -34.77 3.20 16.51
C PHE B 83 -33.41 3.49 15.85
N ALA B 84 -32.35 2.94 16.42
CA ALA B 84 -31.01 3.06 15.88
C ALA B 84 -30.96 2.39 14.54
N VAL B 85 -31.49 1.18 14.47
CA VAL B 85 -31.43 0.37 13.27
C VAL B 85 -32.49 0.75 12.21
N ASP B 86 -33.74 0.92 12.60
CA ASP B 86 -34.81 1.16 11.63
C ASP B 86 -34.94 2.62 11.20
N VAL B 87 -34.72 3.56 12.11
CA VAL B 87 -34.93 4.96 11.77
C VAL B 87 -33.59 5.69 11.48
N LEU B 88 -32.65 5.62 12.41
CA LEU B 88 -31.36 6.29 12.26
C LEU B 88 -30.46 5.48 11.32
N LYS B 89 -30.75 4.19 11.21
CA LYS B 89 -29.99 3.29 10.34
C LYS B 89 -28.51 3.45 10.61
N VAL B 90 -28.15 3.23 11.86
CA VAL B 90 -26.76 3.20 12.25
C VAL B 90 -26.11 2.05 11.51
N LYS B 91 -24.80 2.15 11.33
CA LYS B 91 -24.07 1.13 10.59
C LYS B 91 -23.44 0.13 11.54
N HIS B 92 -23.25 0.57 12.78
CA HIS B 92 -22.56 -0.24 13.79
C HIS B 92 -23.24 -0.19 15.14
N ILE B 93 -23.34 -1.34 15.77
CA ILE B 93 -23.79 -1.40 17.15
C ILE B 93 -22.62 -1.85 17.97
N LEU B 94 -22.18 -0.97 18.88
CA LEU B 94 -21.04 -1.24 19.74
C LEU B 94 -21.48 -1.75 21.10
N VAL B 95 -21.46 -3.07 21.27
CA VAL B 95 -21.70 -3.62 22.59
C VAL B 95 -20.39 -3.47 23.38
N THR B 96 -20.36 -2.57 24.35
CA THR B 96 -19.16 -2.38 25.14
C THR B 96 -19.41 -2.75 26.60
N GLY B 97 -18.72 -3.77 27.07
CA GLY B 97 -18.73 -4.12 28.48
C GLY B 97 -17.46 -3.52 29.06
N HIS B 98 -17.21 -3.79 30.33
CA HIS B 98 -15.98 -3.34 30.96
C HIS B 98 -15.57 -4.23 32.13
N TYR B 99 -14.25 -4.29 32.34
CA TYR B 99 -13.67 -5.04 33.45
C TYR B 99 -14.00 -4.41 34.81
N GLY B 100 -14.10 -5.25 35.84
CA GLY B 100 -14.46 -4.76 37.16
C GLY B 100 -15.90 -4.28 37.27
N CYS B 101 -16.78 -4.87 36.45
CA CYS B 101 -18.19 -4.51 36.42
C CYS B 101 -18.96 -5.10 37.61
N GLY B 102 -19.51 -4.20 38.43
CA GLY B 102 -20.25 -4.57 39.62
C GLY B 102 -21.50 -5.38 39.36
N GLY B 103 -22.10 -5.20 38.18
CA GLY B 103 -23.26 -5.98 37.78
C GLY B 103 -22.91 -7.43 37.54
N VAL B 104 -21.82 -7.63 36.81
CA VAL B 104 -21.23 -8.95 36.60
C VAL B 104 -20.73 -9.57 37.91
N ARG B 105 -20.05 -8.75 38.70
CA ARG B 105 -19.52 -9.20 39.98
C ARG B 105 -20.64 -9.69 40.84
N ALA B 106 -21.74 -8.93 40.82
CA ALA B 106 -22.94 -9.26 41.60
C ALA B 106 -23.53 -10.59 41.19
N SER B 107 -23.46 -10.91 39.90
CA SER B 107 -24.02 -12.17 39.43
C SER B 107 -23.20 -13.33 39.93
N LEU B 108 -21.98 -13.03 40.32
CA LEU B 108 -20.99 -14.05 40.66
C LEU B 108 -20.93 -14.32 42.19
N HIS B 109 -21.66 -13.50 42.95
CA HIS B 109 -21.81 -13.63 44.39
C HIS B 109 -23.27 -13.93 44.72
N ASN B 110 -23.60 -14.09 46.00
CA ASN B 110 -24.90 -14.62 46.36
C ASN B 110 -25.77 -13.68 47.20
N ASP B 111 -25.37 -12.41 47.26
CA ASP B 111 -26.14 -11.44 48.02
C ASP B 111 -27.35 -10.94 47.25
N GLN B 112 -28.44 -10.71 47.96
CA GLN B 112 -29.62 -10.14 47.36
C GLN B 112 -29.52 -8.64 47.28
N LEU B 113 -29.66 -8.11 46.08
CA LEU B 113 -29.53 -6.69 45.85
C LEU B 113 -30.88 -6.06 45.49
N GLY B 114 -31.93 -6.88 45.45
CA GLY B 114 -33.29 -6.42 45.20
C GLY B 114 -33.78 -6.64 43.79
N LEU B 115 -34.42 -5.61 43.22
CA LEU B 115 -34.87 -5.64 41.84
C LEU B 115 -33.80 -6.08 40.85
N ILE B 116 -32.58 -5.61 41.07
CA ILE B 116 -31.51 -5.86 40.14
C ILE B 116 -31.13 -7.34 40.08
N ASP B 117 -31.54 -8.10 41.09
CA ASP B 117 -31.34 -9.55 41.08
C ASP B 117 -31.96 -10.18 39.83
N GLY B 118 -33.16 -9.73 39.49
CA GLY B 118 -33.82 -10.22 38.31
C GLY B 118 -33.14 -9.78 37.04
N TRP B 119 -32.70 -8.52 36.98
CA TRP B 119 -32.01 -7.97 35.82
C TRP B 119 -30.76 -8.74 35.46
N LEU B 120 -30.03 -9.14 36.50
CA LEU B 120 -28.75 -9.80 36.36
C LEU B 120 -28.81 -11.31 36.22
N ARG B 121 -30.02 -11.85 36.21
CA ARG B 121 -30.27 -13.29 36.07
C ARG B 121 -29.52 -13.93 34.90
N SER B 122 -29.59 -13.31 33.74
CA SER B 122 -29.02 -13.93 32.54
C SER B 122 -27.50 -13.96 32.61
N ILE B 123 -26.92 -13.08 33.41
CA ILE B 123 -25.48 -13.13 33.63
C ILE B 123 -25.15 -14.23 34.61
N ARG B 124 -26.01 -14.39 35.62
CA ARG B 124 -25.87 -15.52 36.53
C ARG B 124 -25.92 -16.83 35.75
N ASP B 125 -26.77 -16.87 34.72
CA ASP B 125 -26.88 -18.02 33.83
C ASP B 125 -25.59 -18.33 33.11
N LEU B 126 -24.95 -17.28 32.63
CA LEU B 126 -23.69 -17.40 31.92
C LEU B 126 -22.59 -17.93 32.86
N ALA B 127 -22.55 -17.43 34.08
CA ALA B 127 -21.60 -17.94 35.07
C ALA B 127 -21.80 -19.43 35.36
N TYR B 128 -23.06 -19.86 35.39
CA TYR B 128 -23.40 -21.25 35.62
C TYR B 128 -22.99 -22.12 34.43
N GLU B 129 -23.30 -21.64 33.23
CA GLU B 129 -22.90 -22.30 31.99
C GLU B 129 -21.38 -22.53 31.90
N TYR B 130 -20.62 -21.55 32.37
CA TYR B 130 -19.16 -21.61 32.30
C TYR B 130 -18.56 -21.88 33.68
N ARG B 131 -19.32 -22.54 34.56
CA ARG B 131 -18.89 -22.69 35.94
C ARG B 131 -17.60 -23.49 36.05
N GLU B 132 -17.41 -24.46 35.17
CA GLU B 132 -16.21 -25.28 35.17
C GLU B 132 -15.02 -24.44 34.63
N HIS B 133 -15.21 -23.67 33.56
CA HIS B 133 -14.18 -22.74 33.04
C HIS B 133 -13.76 -21.68 34.07
N LEU B 134 -14.75 -21.03 34.66
CA LEU B 134 -14.50 -19.99 35.66
C LEU B 134 -13.89 -20.57 36.92
N GLU B 135 -14.23 -21.82 37.21
CA GLU B 135 -13.74 -22.48 38.43
C GLU B 135 -12.24 -22.71 38.38
N GLN B 136 -11.69 -22.75 37.18
CA GLN B 136 -10.26 -22.97 36.98
C GLN B 136 -9.48 -21.67 37.17
N LEU B 137 -10.18 -20.57 37.41
CA LEU B 137 -9.53 -19.28 37.67
C LEU B 137 -9.32 -19.03 39.16
N PRO B 138 -8.07 -18.76 39.55
CA PRO B 138 -7.61 -18.73 40.95
C PRO B 138 -8.07 -17.53 41.78
N THR B 139 -8.43 -16.43 41.14
CA THR B 139 -8.88 -15.25 41.89
C THR B 139 -10.27 -14.79 41.47
N GLU B 140 -10.91 -14.06 42.37
CA GLU B 140 -12.21 -13.47 42.14
C GLU B 140 -12.19 -12.47 40.99
N GLU B 141 -11.17 -11.62 40.96
CA GLU B 141 -11.04 -10.59 39.93
C GLU B 141 -10.94 -11.21 38.55
N GLU B 142 -10.19 -12.29 38.43
CA GLU B 142 -10.07 -13.02 37.17
C GLU B 142 -11.39 -13.62 36.72
N ARG B 143 -12.13 -14.19 37.67
CA ARG B 143 -13.41 -14.79 37.36
C ARG B 143 -14.39 -13.70 36.91
N VAL B 144 -14.42 -12.60 37.66
CA VAL B 144 -15.25 -11.47 37.30
C VAL B 144 -14.91 -10.92 35.90
N ASP B 145 -13.63 -10.68 35.66
CA ASP B 145 -13.19 -10.04 34.41
C ASP B 145 -13.50 -10.95 33.23
N ARG B 146 -13.35 -12.26 33.47
CA ARG B 146 -13.66 -13.25 32.46
C ARG B 146 -15.15 -13.30 32.18
N LEU B 147 -15.96 -13.24 33.23
CA LEU B 147 -17.42 -13.22 33.06
C LEU B 147 -17.84 -11.95 32.32
N CYS B 148 -17.10 -10.85 32.54
CA CYS B 148 -17.32 -9.58 31.84
C CYS B 148 -17.09 -9.77 30.33
N GLU B 149 -16.07 -10.53 29.99
CA GLU B 149 -15.81 -10.85 28.60
C GLU B 149 -16.91 -11.75 28.04
N LEU B 150 -17.23 -12.81 28.78
CA LEU B 150 -18.29 -13.73 28.37
C LEU B 150 -19.59 -12.98 28.15
N ASN B 151 -19.85 -12.00 29.01
CA ASN B 151 -21.10 -11.28 28.94
C ASN B 151 -21.22 -10.45 27.65
N VAL B 152 -20.17 -9.71 27.30
CA VAL B 152 -20.14 -8.91 26.09
C VAL B 152 -20.42 -9.77 24.86
N ILE B 153 -19.72 -10.91 24.83
CA ILE B 153 -19.85 -11.86 23.75
C ILE B 153 -21.30 -12.36 23.65
N GLN B 154 -21.91 -12.61 24.81
CA GLN B 154 -23.32 -12.97 24.86
C GLN B 154 -24.21 -11.85 24.34
N GLN B 155 -23.95 -10.63 24.77
CA GLN B 155 -24.84 -9.54 24.39
C GLN B 155 -24.77 -9.26 22.90
N VAL B 156 -23.60 -9.44 22.30
CA VAL B 156 -23.45 -9.36 20.85
C VAL B 156 -24.36 -10.40 20.19
N ALA B 157 -24.33 -11.61 20.74
CA ALA B 157 -25.23 -12.66 20.27
C ALA B 157 -26.68 -12.19 20.37
N ASN B 158 -27.06 -11.68 21.53
CA ASN B 158 -28.45 -11.26 21.78
C ASN B 158 -28.90 -10.16 20.81
N VAL B 159 -28.02 -9.19 20.55
CA VAL B 159 -28.39 -8.11 19.65
C VAL B 159 -28.57 -8.66 18.24
N SER B 160 -27.63 -9.52 17.85
CA SER B 160 -27.65 -10.05 16.51
C SER B 160 -28.87 -10.93 16.27
N HIS B 161 -29.40 -11.55 17.33
CA HIS B 161 -30.54 -12.45 17.15
C HIS B 161 -31.89 -11.77 17.13
N THR B 162 -31.95 -10.49 17.51
CA THR B 162 -33.23 -9.77 17.54
C THR B 162 -33.83 -9.76 16.15
N SER B 163 -35.16 -9.77 16.02
CA SER B 163 -35.75 -9.70 14.69
C SER B 163 -35.41 -8.34 14.08
N ILE B 164 -35.20 -7.35 14.93
CA ILE B 164 -34.81 -6.00 14.49
C ILE B 164 -33.60 -6.04 13.57
N VAL B 165 -32.51 -6.61 14.08
CA VAL B 165 -31.28 -6.72 13.33
C VAL B 165 -31.36 -7.69 12.15
N GLN B 166 -31.97 -8.85 12.36
CA GLN B 166 -32.11 -9.83 11.28
C GLN B 166 -32.93 -9.29 10.12
N ASN B 167 -33.96 -8.51 10.41
CA ASN B 167 -34.75 -7.91 9.36
C ASN B 167 -34.03 -6.79 8.61
N ALA B 168 -33.16 -6.07 9.31
CA ALA B 168 -32.26 -5.08 8.71
C ALA B 168 -31.43 -5.77 7.62
N TRP B 169 -30.82 -6.89 8.00
CA TRP B 169 -30.04 -7.70 7.09
C TRP B 169 -30.91 -8.26 5.97
N HIS B 170 -32.10 -8.74 6.29
CA HIS B 170 -33.02 -9.28 5.27
C HIS B 170 -33.31 -8.22 4.21
N ARG B 171 -33.33 -6.94 4.58
CA ARG B 171 -33.63 -5.93 3.59
C ARG B 171 -32.32 -5.29 3.11
N GLY B 172 -31.23 -6.02 3.29
CA GLY B 172 -29.97 -5.69 2.65
C GLY B 172 -29.23 -4.54 3.32
N GLN B 173 -29.59 -4.23 4.57
CA GLN B 173 -29.01 -3.08 5.26
C GLN B 173 -27.63 -3.39 5.84
N SER B 174 -26.71 -2.44 5.71
CA SER B 174 -25.39 -2.62 6.29
C SER B 174 -25.46 -2.40 7.79
N LEU B 175 -25.03 -3.42 8.54
CA LEU B 175 -25.08 -3.38 9.98
C LEU B 175 -24.15 -4.41 10.60
N SER B 176 -23.25 -3.93 11.43
CA SER B 176 -22.31 -4.80 12.12
C SER B 176 -22.47 -4.67 13.62
N VAL B 177 -22.42 -5.79 14.31
CA VAL B 177 -22.53 -5.81 15.74
C VAL B 177 -21.18 -6.16 16.29
N HIS B 178 -20.62 -5.29 17.12
CA HIS B 178 -19.27 -5.53 17.60
C HIS B 178 -19.27 -5.78 19.09
N GLY B 179 -18.26 -6.50 19.55
CA GLY B 179 -18.06 -6.68 20.97
C GLY B 179 -16.73 -6.12 21.43
N CYS B 180 -16.80 -5.16 22.34
CA CYS B 180 -15.61 -4.56 22.89
C CYS B 180 -15.70 -4.57 24.40
N ILE B 181 -14.55 -4.44 25.05
CA ILE B 181 -14.52 -4.35 26.48
C ILE B 181 -13.55 -3.24 26.84
N TYR B 182 -13.96 -2.42 27.78
CA TYR B 182 -13.21 -1.28 28.24
C TYR B 182 -12.51 -1.58 29.56
N GLY B 183 -11.25 -1.20 29.69
CA GLY B 183 -10.52 -1.34 30.94
C GLY B 183 -10.57 -0.07 31.76
N ILE B 184 -11.32 -0.08 32.86
CA ILE B 184 -11.37 1.06 33.76
C ILE B 184 -10.03 1.32 34.46
N LYS B 185 -9.14 0.33 34.42
CA LYS B 185 -7.82 0.48 35.00
C LYS B 185 -6.84 1.20 34.07
N ASP B 186 -7.04 1.15 32.77
CA ASP B 186 -6.04 1.72 31.86
C ASP B 186 -6.64 2.57 30.73
N GLY B 187 -7.97 2.70 30.72
CA GLY B 187 -8.61 3.56 29.75
C GLY B 187 -8.64 3.02 28.33
N LEU B 188 -8.26 1.75 28.16
CA LEU B 188 -8.18 1.18 26.82
C LEU B 188 -9.47 0.43 26.45
N TRP B 189 -9.93 0.67 25.24
CA TRP B 189 -11.14 0.09 24.68
C TRP B 189 -10.76 -1.00 23.70
N LYS B 190 -10.95 -2.26 24.09
CA LYS B 190 -10.39 -3.38 23.35
C LYS B 190 -11.44 -4.14 22.57
N ASN B 191 -11.11 -4.54 21.36
CA ASN B 191 -11.99 -5.40 20.57
C ASN B 191 -11.87 -6.83 21.04
N LEU B 192 -13.03 -7.46 21.25
CA LEU B 192 -13.11 -8.87 21.63
C LEU B 192 -13.20 -9.74 20.39
N ASN B 193 -13.29 -9.08 19.23
CA ASN B 193 -13.28 -9.73 17.91
C ASN B 193 -14.37 -10.73 17.74
N VAL B 194 -15.60 -10.34 18.00
CA VAL B 194 -16.76 -11.23 17.88
C VAL B 194 -17.83 -10.65 16.98
N THR B 195 -17.40 -9.86 16.01
CA THR B 195 -18.32 -9.10 15.21
C THR B 195 -19.23 -9.98 14.34
N VAL B 196 -20.49 -9.56 14.23
CA VAL B 196 -21.49 -10.22 13.41
C VAL B 196 -21.96 -9.23 12.39
N SER B 197 -22.07 -9.64 11.13
CA SER B 197 -22.43 -8.69 10.10
C SER B 197 -23.53 -9.21 9.22
N GLY B 198 -23.92 -10.46 9.45
CA GLY B 198 -24.98 -11.04 8.64
C GLY B 198 -25.57 -12.35 9.10
N LEU B 199 -26.72 -12.67 8.54
CA LEU B 199 -27.52 -13.83 8.89
C LEU B 199 -26.72 -15.14 8.80
N ASP B 200 -25.80 -15.22 7.83
CA ASP B 200 -25.01 -16.43 7.62
C ASP B 200 -24.19 -16.74 8.86
N GLN B 201 -24.01 -15.72 9.70
CA GLN B 201 -23.24 -15.88 10.93
C GLN B 201 -24.10 -16.38 12.10
N LEU B 202 -25.42 -16.46 11.92
CA LEU B 202 -26.31 -16.93 12.98
C LEU B 202 -26.61 -18.42 12.89
N PRO B 203 -26.67 -19.09 14.05
CA PRO B 203 -27.07 -20.50 14.12
C PRO B 203 -28.46 -20.70 13.52
N PRO B 204 -28.68 -21.89 12.93
CA PRO B 204 -29.98 -22.25 12.33
C PRO B 204 -31.14 -22.06 13.29
N GLN B 205 -30.88 -22.38 14.55
CA GLN B 205 -31.89 -22.34 15.61
C GLN B 205 -32.34 -20.91 15.91
N TYR B 206 -31.54 -19.93 15.50
CA TYR B 206 -31.84 -18.52 15.81
C TYR B 206 -32.23 -17.67 14.61
N ARG B 207 -32.05 -18.18 13.39
CA ARG B 207 -32.35 -17.40 12.18
C ARG B 207 -33.84 -17.33 11.87
N LEU B 208 -34.33 -16.12 11.63
CA LEU B 208 -35.73 -15.90 11.32
C LEU B 208 -35.95 -15.69 9.83
N SER B 209 -37.04 -16.26 9.36
CA SER B 209 -37.46 -16.11 7.98
C SER B 209 -37.77 -14.64 7.72
N PRO B 210 -37.63 -14.18 6.50
CA PRO B 210 -38.11 -12.82 6.25
C PRO B 210 -39.61 -12.76 6.43
N LEU B 211 -40.14 -11.57 6.65
CA LEU B 211 -41.55 -11.39 6.90
C LEU B 211 -42.43 -11.91 5.76
ZN ZN C . 26.91 0.13 -15.12
ZN ZN D . -20.57 -2.31 34.93
#